data_5GRQ
#
_entry.id   5GRQ
#
_cell.length_a   53.428
_cell.length_b   56.217
_cell.length_c   102.917
_cell.angle_alpha   90.00
_cell.angle_beta   90.00
_cell.angle_gamma   90.00
#
_symmetry.space_group_name_H-M   'P 21 21 21'
#
loop_
_entity.id
_entity.type
_entity.pdbx_description
1 polymer 'Death domain-associated protein 6'
2 polymer 'Transcriptional regulator ATRX'
3 non-polymer 'ACETATE ION'
4 non-polymer GLYCEROL
5 non-polymer 'CHLORIDE ION'
6 non-polymer 'ZINC ION'
7 water water
#
loop_
_entity_poly.entity_id
_entity_poly.type
_entity_poly.pdbx_seq_one_letter_code
_entity_poly.pdbx_strand_id
1 'polypeptide(L)'
;GKKCYKLENEKLFEEFLELCKMQTADHPEVVPFLYNRQQRAHSLFLASAEFCNILSRVLSRARSRPAKLYVYINELCTVL
KAHSAKKKLN
;
A,B
2 'polypeptide(L)' VTVDDDDDDNDPENRIAKKMLLEEIKANLS C,D
#
# COMPACT_ATOMS: atom_id res chain seq x y z
N GLY A 1 4.28 0.70 -12.81
CA GLY A 1 5.58 0.57 -12.17
C GLY A 1 5.79 -0.85 -11.70
N LYS A 2 6.33 -1.01 -10.51
CA LYS A 2 6.56 -2.35 -9.99
C LYS A 2 5.23 -3.06 -9.73
N LYS A 3 5.30 -4.39 -9.71
CA LYS A 3 4.11 -5.22 -9.55
C LYS A 3 3.54 -5.07 -8.14
N CYS A 4 2.23 -4.87 -8.06
CA CYS A 4 1.53 -4.75 -6.79
C CYS A 4 1.18 -6.12 -6.23
N TYR A 5 1.52 -6.33 -4.95
CA TYR A 5 1.26 -7.60 -4.26
C TYR A 5 0.27 -7.45 -3.10
N LYS A 6 -0.53 -6.38 -3.07
CA LYS A 6 -1.41 -6.15 -1.93
C LYS A 6 -2.26 -7.37 -1.59
N LEU A 7 -3.03 -7.88 -2.55
CA LEU A 7 -3.94 -8.99 -2.26
C LEU A 7 -3.19 -10.29 -1.99
N GLU A 8 -2.14 -10.58 -2.75
CA GLU A 8 -1.37 -11.79 -2.50
C GLU A 8 -0.75 -11.76 -1.11
N ASN A 9 -0.21 -10.61 -0.69
CA ASN A 9 0.35 -10.50 0.65
C ASN A 9 -0.69 -10.65 1.74
N GLU A 10 -1.94 -10.24 1.49
CA GLU A 10 -2.99 -10.49 2.47
C GLU A 10 -3.25 -11.99 2.61
N LYS A 11 -3.30 -12.70 1.47
CA LYS A 11 -3.49 -14.15 1.50
C LYS A 11 -2.36 -14.84 2.24
N LEU A 12 -1.11 -14.47 1.91
CA LEU A 12 0.04 -15.13 2.54
C LEU A 12 0.12 -14.80 4.02
N PHE A 13 -0.16 -13.54 4.39
CA PHE A 13 -0.11 -13.21 5.80
C PHE A 13 -1.16 -13.99 6.58
N GLU A 14 -2.36 -14.15 6.01
CA GLU A 14 -3.40 -14.95 6.66
C GLU A 14 -2.97 -16.40 6.82
N GLU A 15 -2.29 -16.97 5.81
CA GLU A 15 -1.78 -18.33 5.92
C GLU A 15 -0.79 -18.43 7.07
N PHE A 16 0.09 -17.44 7.21
CA PHE A 16 1.06 -17.49 8.30
C PHE A 16 0.36 -17.37 9.66
N LEU A 17 -0.60 -16.45 9.78
CA LEU A 17 -1.36 -16.36 11.02
C LEU A 17 -2.08 -17.66 11.35
N GLU A 18 -2.65 -18.34 10.35
CA GLU A 18 -3.30 -19.62 10.62
C GLU A 18 -2.31 -20.65 11.14
N LEU A 19 -1.12 -20.68 10.55
CA LEU A 19 -0.05 -21.54 11.07
C LEU A 19 0.25 -21.20 12.53
N CYS A 20 0.35 -19.90 12.85
CA CYS A 20 0.58 -19.50 14.24
C CYS A 20 -0.57 -19.93 15.15
N LYS A 21 -1.81 -19.86 14.67
CA LYS A 21 -2.94 -20.30 15.49
C LYS A 21 -2.82 -21.77 15.85
N MET A 22 -2.33 -22.59 14.91
CA MET A 22 -2.19 -24.02 15.20
C MET A 22 -1.11 -24.30 16.23
N GLN A 23 -0.06 -23.48 16.30
CA GLN A 23 1.11 -23.82 17.11
C GLN A 23 1.30 -22.93 18.33
N THR A 24 0.51 -21.88 18.51
CA THR A 24 0.73 -20.98 19.63
C THR A 24 -0.51 -20.82 20.50
N ALA A 25 -1.31 -21.89 20.64
CA ALA A 25 -2.53 -21.80 21.45
C ALA A 25 -2.22 -21.51 22.91
N ASP A 26 -1.01 -21.81 23.37
CA ASP A 26 -0.67 -21.52 24.77
C ASP A 26 -0.23 -20.08 24.96
N HIS A 27 -0.10 -19.30 23.89
CA HIS A 27 0.18 -17.87 24.00
C HIS A 27 -0.72 -17.16 23.01
N PRO A 28 -2.02 -17.06 23.34
CA PRO A 28 -3.00 -16.47 22.41
C PRO A 28 -2.70 -15.03 22.05
N GLU A 29 -1.79 -14.36 22.76
CA GLU A 29 -1.46 -12.98 22.47
C GLU A 29 -0.58 -12.83 21.24
N VAL A 30 0.04 -13.91 20.77
CA VAL A 30 0.97 -13.80 19.63
C VAL A 30 0.24 -13.37 18.37
N VAL A 31 -0.84 -14.07 18.03
CA VAL A 31 -1.54 -13.79 16.77
C VAL A 31 -2.10 -12.35 16.73
N PRO A 32 -2.84 -11.87 17.74
CA PRO A 32 -3.29 -10.48 17.67
C PRO A 32 -2.16 -9.47 17.63
N PHE A 33 -1.03 -9.81 18.24
CA PHE A 33 0.14 -8.92 18.19
C PHE A 33 0.67 -8.78 16.76
N LEU A 34 0.78 -9.89 16.04
CA LEU A 34 1.23 -9.84 14.65
C LEU A 34 0.22 -9.13 13.75
N TYR A 35 -1.07 -9.42 13.96
CA TYR A 35 -2.11 -8.71 13.23
C TYR A 35 -2.02 -7.20 13.45
N ASN A 36 -1.77 -6.77 14.69
CA ASN A 36 -1.66 -5.35 14.98
C ASN A 36 -0.49 -4.73 14.20
N ARG A 37 0.65 -5.44 14.12
CA ARG A 37 1.79 -4.94 13.34
C ARG A 37 1.45 -4.85 11.86
N GLN A 38 0.70 -5.83 11.33
CA GLN A 38 0.26 -5.72 9.93
C GLN A 38 -0.61 -4.49 9.73
N GLN A 39 -1.55 -4.25 10.65
CA GLN A 39 -2.49 -3.13 10.49
C GLN A 39 -1.80 -1.79 10.60
N ARG A 40 -0.65 -1.72 11.26
CA ARG A 40 0.05 -0.46 11.47
C ARG A 40 1.14 -0.20 10.44
N ALA A 41 1.34 -1.10 9.47
CA ALA A 41 2.42 -0.95 8.51
C ALA A 41 2.07 0.02 7.40
N HIS A 42 3.12 0.62 6.81
CA HIS A 42 2.95 1.47 5.64
C HIS A 42 2.35 0.69 4.47
N SER A 43 1.49 1.39 3.72
CA SER A 43 0.85 0.82 2.55
C SER A 43 1.84 0.29 1.53
N LEU A 44 2.93 1.03 1.28
CA LEU A 44 3.89 0.59 0.27
C LEU A 44 4.44 -0.79 0.61
N PHE A 45 4.88 -0.98 1.86
CA PHE A 45 5.37 -2.29 2.28
C PHE A 45 4.30 -3.36 2.11
N LEU A 46 3.09 -3.08 2.56
CA LEU A 46 2.03 -4.09 2.49
C LEU A 46 1.74 -4.53 1.06
N ALA A 47 2.08 -3.71 0.06
CA ALA A 47 1.81 -4.03 -1.33
C ALA A 47 3.05 -4.52 -2.07
N SER A 48 4.15 -4.77 -1.36
CA SER A 48 5.44 -4.91 -2.01
C SER A 48 5.84 -6.36 -2.28
N ALA A 49 6.65 -6.54 -3.34
CA ALA A 49 7.34 -7.82 -3.51
C ALA A 49 8.25 -8.13 -2.33
N GLU A 50 8.81 -7.10 -1.68
CA GLU A 50 9.61 -7.32 -0.48
C GLU A 50 8.84 -8.12 0.56
N PHE A 51 7.61 -7.70 0.86
CA PHE A 51 6.80 -8.41 1.84
C PHE A 51 6.41 -9.79 1.33
N CYS A 52 6.09 -9.91 0.04
CA CYS A 52 5.83 -11.23 -0.54
C CYS A 52 7.02 -12.16 -0.33
N ASN A 53 8.25 -11.67 -0.55
CA ASN A 53 9.43 -12.52 -0.36
C ASN A 53 9.53 -12.99 1.09
N ILE A 54 9.36 -12.08 2.05
CA ILE A 54 9.48 -12.43 3.46
C ILE A 54 8.43 -13.46 3.84
N LEU A 55 7.18 -13.21 3.45
CA LEU A 55 6.10 -14.14 3.80
C LEU A 55 6.33 -15.51 3.18
N SER A 56 6.74 -15.54 1.90
CA SER A 56 7.01 -16.81 1.24
C SER A 56 8.11 -17.56 1.97
N ARG A 57 9.14 -16.85 2.39
CA ARG A 57 10.27 -17.48 3.07
C ARG A 57 9.86 -18.03 4.43
N VAL A 58 9.16 -17.24 5.26
CA VAL A 58 8.86 -17.74 6.60
C VAL A 58 7.79 -18.82 6.56
N LEU A 59 6.87 -18.76 5.58
CA LEU A 59 5.92 -19.86 5.41
C LEU A 59 6.65 -21.15 5.09
N SER A 60 7.55 -21.11 4.13
CA SER A 60 8.28 -22.31 3.74
C SER A 60 9.13 -22.83 4.89
N ARG A 61 9.84 -21.94 5.58
CA ARG A 61 10.72 -22.37 6.66
C ARG A 61 9.93 -22.91 7.84
N ALA A 62 8.80 -22.26 8.18
CA ALA A 62 7.99 -22.73 9.29
C ALA A 62 7.35 -24.08 9.01
N ARG A 63 6.95 -24.34 7.76
CA ARG A 63 6.39 -25.64 7.42
C ARG A 63 7.48 -26.72 7.40
N SER A 64 8.69 -26.37 6.99
CA SER A 64 9.78 -27.35 6.94
C SER A 64 10.29 -27.67 8.35
N ARG A 65 10.40 -26.65 9.20
CA ARG A 65 10.95 -26.82 10.55
C ARG A 65 10.05 -26.16 11.57
N PRO A 66 8.92 -26.79 11.92
CA PRO A 66 8.02 -26.19 12.92
C PRO A 66 8.67 -25.95 14.28
N ALA A 67 9.72 -26.70 14.63
CA ALA A 67 10.40 -26.48 15.90
C ALA A 67 11.20 -25.18 15.94
N LYS A 68 11.26 -24.42 14.84
CA LYS A 68 11.90 -23.10 14.81
C LYS A 68 10.87 -21.99 14.57
N LEU A 69 9.58 -22.26 14.79
CA LEU A 69 8.53 -21.29 14.48
C LEU A 69 8.82 -19.90 15.04
N TYR A 70 9.23 -19.83 16.31
CA TYR A 70 9.37 -18.51 16.93
C TYR A 70 10.56 -17.73 16.36
N VAL A 71 11.58 -18.42 15.86
CA VAL A 71 12.63 -17.74 15.12
C VAL A 71 12.02 -16.98 13.95
N TYR A 72 11.14 -17.66 13.20
CA TYR A 72 10.57 -17.04 12.01
C TYR A 72 9.57 -15.96 12.39
N ILE A 73 8.79 -16.16 13.46
CA ILE A 73 7.87 -15.13 13.91
C ILE A 73 8.62 -13.84 14.24
N ASN A 74 9.76 -13.98 14.95
CA ASN A 74 10.55 -12.81 15.29
C ASN A 74 11.07 -12.08 14.06
N GLU A 75 11.48 -12.84 13.04
CA GLU A 75 11.92 -12.21 11.79
C GLU A 75 10.79 -11.39 11.18
N LEU A 76 9.57 -11.93 11.16
CA LEU A 76 8.43 -11.20 10.60
C LEU A 76 8.10 -9.98 11.44
N CYS A 77 8.10 -10.12 12.76
CA CYS A 77 7.87 -9.00 13.65
C CYS A 77 8.85 -7.87 13.38
N THR A 78 10.14 -8.20 13.27
CA THR A 78 11.18 -7.19 13.08
C THR A 78 10.97 -6.41 11.79
N VAL A 79 10.69 -7.10 10.68
CA VAL A 79 10.55 -6.36 9.44
C VAL A 79 9.24 -5.55 9.42
N LEU A 80 8.17 -6.08 10.03
CA LEU A 80 6.95 -5.27 10.16
C LEU A 80 7.20 -4.03 11.00
N LYS A 81 7.97 -4.18 12.08
CA LYS A 81 8.28 -3.02 12.93
C LYS A 81 9.09 -1.98 12.15
N ALA A 82 10.02 -2.44 11.32
CA ALA A 82 10.81 -1.53 10.49
C ALA A 82 9.94 -0.75 9.49
N HIS A 83 8.74 -1.23 9.20
CA HIS A 83 7.85 -0.57 8.25
C HIS A 83 6.62 0.02 8.92
N SER A 84 6.65 0.20 10.24
CA SER A 84 5.52 0.75 10.96
C SER A 84 5.24 2.19 10.57
N ALA A 85 3.96 2.52 10.43
CA ALA A 85 3.50 3.86 10.12
C ALA A 85 2.95 4.62 11.33
N LYS A 86 2.61 3.92 12.43
CA LYS A 86 1.99 4.61 13.55
C LYS A 86 2.19 3.79 14.82
N LYS A 87 2.09 4.48 15.96
CA LYS A 87 2.35 3.85 17.25
C LYS A 87 1.16 3.00 17.68
N LYS A 88 1.43 2.08 18.60
CA LYS A 88 0.40 1.21 19.17
C LYS A 88 -0.45 2.00 20.15
N LEU A 89 -1.75 1.72 20.15
CA LEU A 89 -2.73 2.45 20.96
C LEU A 89 -3.32 1.55 22.04
N ASN A 90 -3.53 2.13 23.22
CA ASN A 90 -4.26 1.50 24.32
C ASN A 90 -3.71 0.13 24.73
N GLY B 1 15.06 2.42 4.77
CA GLY B 1 13.97 1.77 4.02
C GLY B 1 13.33 2.69 3.01
N LYS B 2 12.58 2.11 2.07
CA LYS B 2 11.87 2.88 1.07
C LYS B 2 10.89 3.86 1.71
N LYS B 3 10.80 5.04 1.13
CA LYS B 3 9.81 6.03 1.56
C LYS B 3 8.42 5.64 1.04
N CYS B 4 7.45 5.57 1.94
CA CYS B 4 6.06 5.35 1.53
C CYS B 4 5.43 6.72 1.23
N TYR B 5 4.94 6.88 0.01
CA TYR B 5 4.38 8.15 -0.44
C TYR B 5 2.85 8.18 -0.40
N LYS B 6 2.21 7.25 0.32
CA LYS B 6 0.75 7.22 0.34
C LYS B 6 0.15 8.58 0.71
N LEU B 7 0.57 9.15 1.84
CA LEU B 7 -0.03 10.40 2.29
C LEU B 7 0.41 11.57 1.43
N GLU B 8 1.69 11.62 1.03
CA GLU B 8 2.13 12.72 0.19
C GLU B 8 1.40 12.71 -1.15
N ASN B 9 1.12 11.52 -1.69
CA ASN B 9 0.41 11.42 -2.97
C ASN B 9 -1.07 11.76 -2.84
N GLU B 10 -1.68 11.46 -1.68
CA GLU B 10 -3.05 11.91 -1.46
C GLU B 10 -3.11 13.43 -1.43
N LYS B 11 -2.13 14.06 -0.78
CA LYS B 11 -2.08 15.51 -0.70
C LYS B 11 -1.92 16.14 -2.09
N LEU B 12 -0.96 15.62 -2.85
CA LEU B 12 -0.71 16.15 -4.19
C LEU B 12 -1.89 15.91 -5.12
N PHE B 13 -2.50 14.73 -5.04
CA PHE B 13 -3.65 14.47 -5.90
C PHE B 13 -4.81 15.39 -5.56
N GLU B 14 -5.07 15.61 -4.27
CA GLU B 14 -6.13 16.53 -3.90
C GLU B 14 -5.82 17.95 -4.38
N GLU B 15 -4.54 18.34 -4.35
CA GLU B 15 -4.18 19.66 -4.86
C GLU B 15 -4.46 19.75 -6.37
N PHE B 16 -4.14 18.71 -7.13
CA PHE B 16 -4.44 18.75 -8.56
C PHE B 16 -5.93 18.70 -8.83
N LEU B 17 -6.67 17.90 -8.07
CA LEU B 17 -8.12 17.87 -8.23
C LEU B 17 -8.75 19.24 -7.95
N GLU B 18 -8.20 19.98 -6.99
CA GLU B 18 -8.68 21.35 -6.73
C GLU B 18 -8.46 22.26 -7.92
N LEU B 19 -7.26 22.22 -8.52
CA LEU B 19 -7.03 22.98 -9.74
C LEU B 19 -8.04 22.61 -10.81
N CYS B 20 -8.30 21.31 -10.98
CA CYS B 20 -9.27 20.87 -11.97
C CYS B 20 -10.68 21.34 -11.64
N LYS B 21 -11.06 21.30 -10.36
CA LYS B 21 -12.38 21.79 -9.96
C LYS B 21 -12.55 23.26 -10.35
N MET B 22 -11.47 24.04 -10.23
CA MET B 22 -11.54 25.47 -10.55
C MET B 22 -11.58 25.73 -12.05
N GLN B 23 -10.87 24.92 -12.85
CA GLN B 23 -10.65 25.26 -14.25
C GLN B 23 -11.39 24.36 -15.23
N THR B 24 -12.18 23.39 -14.75
CA THR B 24 -13.07 22.61 -15.60
C THR B 24 -14.50 22.67 -15.08
N ALA B 25 -14.83 23.80 -14.45
CA ALA B 25 -16.07 23.96 -13.71
C ALA B 25 -17.32 23.92 -14.60
N ASP B 26 -17.17 24.14 -15.90
CA ASP B 26 -18.33 23.99 -16.79
C ASP B 26 -18.56 22.54 -17.21
N HIS B 27 -17.71 21.62 -16.75
CA HIS B 27 -17.87 20.19 -16.97
C HIS B 27 -17.71 19.52 -15.61
N PRO B 28 -18.74 19.60 -14.76
CA PRO B 28 -18.61 19.14 -13.37
C PRO B 28 -18.47 17.64 -13.24
N GLU B 29 -18.62 16.89 -14.33
CA GLU B 29 -18.41 15.45 -14.31
C GLU B 29 -16.94 15.06 -14.31
N VAL B 30 -16.02 16.00 -14.58
CA VAL B 30 -14.62 15.63 -14.75
C VAL B 30 -13.99 15.27 -13.41
N VAL B 31 -14.21 16.11 -12.39
CA VAL B 31 -13.55 15.87 -11.10
C VAL B 31 -13.98 14.55 -10.47
N PRO B 32 -15.26 14.19 -10.38
CA PRO B 32 -15.61 12.88 -9.82
C PRO B 32 -15.04 11.73 -10.62
N PHE B 33 -14.96 11.86 -11.95
CA PHE B 33 -14.40 10.79 -12.75
C PHE B 33 -12.93 10.57 -12.43
N LEU B 34 -12.16 11.65 -12.35
CA LEU B 34 -10.74 11.51 -12.02
C LEU B 34 -10.56 10.96 -10.60
N TYR B 35 -11.38 11.42 -9.66
CA TYR B 35 -11.35 10.87 -8.31
C TYR B 35 -11.56 9.36 -8.32
N ASN B 36 -12.55 8.89 -9.08
CA ASN B 36 -12.81 7.46 -9.11
C ASN B 36 -11.65 6.69 -9.74
N ARG B 37 -11.01 7.23 -10.78
CA ARG B 37 -9.83 6.57 -11.34
C ARG B 37 -8.73 6.42 -10.29
N GLN B 38 -8.52 7.44 -9.46
CA GLN B 38 -7.54 7.35 -8.39
C GLN B 38 -7.92 6.27 -7.39
N GLN B 39 -9.20 6.21 -7.02
CA GLN B 39 -9.63 5.27 -5.98
C GLN B 39 -9.51 3.83 -6.41
N ARG B 40 -9.47 3.57 -7.71
CA ARG B 40 -9.42 2.20 -8.23
C ARG B 40 -8.00 1.72 -8.53
N ALA B 41 -6.99 2.54 -8.32
CA ALA B 41 -5.64 2.15 -8.69
C ALA B 41 -5.02 1.21 -7.66
N HIS B 42 -4.02 0.45 -8.11
CA HIS B 42 -3.31 -0.46 -7.21
C HIS B 42 -2.66 0.32 -6.06
N SER B 43 -2.66 -0.33 -4.90
CA SER B 43 -2.11 0.26 -3.68
C SER B 43 -0.63 0.61 -3.85
N LEU B 44 0.15 -0.26 -4.50
CA LEU B 44 1.58 0.04 -4.64
C LEU B 44 1.77 1.34 -5.40
N PHE B 45 1.08 1.47 -6.54
CA PHE B 45 1.19 2.69 -7.33
C PHE B 45 0.80 3.92 -6.51
N LEU B 46 -0.29 3.80 -5.74
CA LEU B 46 -0.77 4.95 -4.97
C LEU B 46 0.23 5.39 -3.89
N ALA B 47 1.16 4.51 -3.48
CA ALA B 47 2.15 4.82 -2.45
C ALA B 47 3.54 5.05 -3.01
N SER B 48 3.67 5.19 -4.34
CA SER B 48 4.96 5.09 -5.01
C SER B 48 5.58 6.46 -5.29
N ALA B 49 6.92 6.46 -5.39
CA ALA B 49 7.65 7.62 -5.91
C ALA B 49 7.24 7.90 -7.34
N GLU B 50 6.96 6.85 -8.11
CA GLU B 50 6.48 7.03 -9.49
C GLU B 50 5.27 7.95 -9.55
N PHE B 51 4.26 7.67 -8.70
CA PHE B 51 3.06 8.50 -8.70
C PHE B 51 3.35 9.90 -8.16
N CYS B 52 4.20 10.00 -7.13
CA CYS B 52 4.58 11.30 -6.59
C CYS B 52 5.15 12.21 -7.68
N ASN B 53 6.09 11.70 -8.46
CA ASN B 53 6.70 12.49 -9.51
C ASN B 53 5.70 12.82 -10.62
N ILE B 54 4.84 11.86 -10.97
CA ILE B 54 3.77 12.14 -11.93
C ILE B 54 2.93 13.33 -11.46
N LEU B 55 2.57 13.35 -10.18
CA LEU B 55 1.66 14.36 -9.68
C LEU B 55 2.32 15.72 -9.61
N SER B 56 3.56 15.78 -9.10
CA SER B 56 4.22 17.08 -9.07
C SER B 56 4.45 17.62 -10.46
N ARG B 57 4.70 16.74 -11.44
CA ARG B 57 4.90 17.19 -12.81
C ARG B 57 3.60 17.72 -13.40
N VAL B 58 2.48 17.02 -13.21
CA VAL B 58 1.22 17.49 -13.81
C VAL B 58 0.76 18.80 -13.17
N LEU B 59 0.97 18.98 -11.87
CA LEU B 59 0.61 20.25 -11.24
C LEU B 59 1.43 21.38 -11.83
N SER B 60 2.74 21.18 -11.96
CA SER B 60 3.60 22.20 -12.50
C SER B 60 3.25 22.53 -13.95
N ARG B 61 3.00 21.50 -14.77
CA ARG B 61 2.66 21.75 -16.16
C ARG B 61 1.32 22.47 -16.28
N ALA B 62 0.34 22.07 -15.47
CA ALA B 62 -0.98 22.70 -15.54
C ALA B 62 -0.91 24.18 -15.17
N ARG B 63 -0.14 24.53 -14.14
CA ARG B 63 -0.02 25.93 -13.73
C ARG B 63 0.73 26.76 -14.74
N SER B 64 1.64 26.16 -15.51
CA SER B 64 2.37 26.91 -16.52
C SER B 64 1.58 27.09 -17.81
N ARG B 65 0.71 26.14 -18.15
CA ARG B 65 0.00 26.15 -19.43
C ARG B 65 -1.47 25.79 -19.27
N PRO B 66 -2.29 26.74 -18.80
CA PRO B 66 -3.74 26.47 -18.69
C PRO B 66 -4.41 26.07 -20.00
N ALA B 67 -3.89 26.52 -21.14
CA ALA B 67 -4.45 26.15 -22.44
C ALA B 67 -4.28 24.68 -22.76
N LYS B 68 -3.51 23.94 -21.96
CA LYS B 68 -3.28 22.53 -22.19
C LYS B 68 -3.85 21.65 -21.06
N LEU B 69 -4.73 22.19 -20.22
CA LEU B 69 -5.15 21.45 -19.02
C LEU B 69 -5.78 20.11 -19.37
N TYR B 70 -6.62 20.06 -20.41
CA TYR B 70 -7.26 18.78 -20.74
C TYR B 70 -6.28 17.77 -21.29
N VAL B 71 -5.19 18.22 -21.94
CA VAL B 71 -4.12 17.30 -22.29
C VAL B 71 -3.56 16.63 -21.04
N TYR B 72 -3.32 17.44 -20.01
CA TYR B 72 -2.72 16.92 -18.78
C TYR B 72 -3.70 16.06 -18.00
N ILE B 73 -4.99 16.44 -17.93
CA ILE B 73 -5.98 15.59 -17.27
C ILE B 73 -6.13 14.27 -18.01
N ASN B 74 -6.25 14.32 -19.35
CA ASN B 74 -6.44 13.10 -20.12
C ASN B 74 -5.24 12.16 -19.94
N GLU B 75 -4.03 12.72 -19.91
CA GLU B 75 -2.85 11.89 -19.67
C GLU B 75 -2.88 11.25 -18.30
N LEU B 76 -3.27 11.99 -17.26
CA LEU B 76 -3.28 11.44 -15.90
C LEU B 76 -4.32 10.33 -15.77
N CYS B 77 -5.49 10.55 -16.37
CA CYS B 77 -6.53 9.52 -16.44
C CYS B 77 -5.99 8.23 -17.04
N THR B 78 -5.29 8.35 -18.17
CA THR B 78 -4.71 7.17 -18.82
C THR B 78 -3.69 6.49 -17.93
N VAL B 79 -2.86 7.26 -17.25
CA VAL B 79 -1.88 6.68 -16.32
C VAL B 79 -2.61 5.94 -15.19
N LEU B 80 -3.63 6.56 -14.62
CA LEU B 80 -4.36 5.91 -13.53
C LEU B 80 -5.03 4.63 -14.00
N LYS B 81 -5.63 4.65 -15.19
CA LYS B 81 -6.26 3.44 -15.71
C LYS B 81 -5.22 2.33 -15.93
N ALA B 82 -4.03 2.70 -16.40
CA ALA B 82 -2.99 1.70 -16.65
C ALA B 82 -2.53 1.03 -15.37
N HIS B 83 -2.70 1.68 -14.21
CA HIS B 83 -2.32 1.11 -12.93
C HIS B 83 -3.56 0.65 -12.14
N SER B 84 -4.66 0.37 -12.83
CA SER B 84 -5.93 0.05 -12.17
C SER B 84 -5.88 -1.33 -11.52
N ALA B 85 -6.49 -1.44 -10.35
CA ALA B 85 -6.53 -2.73 -9.67
C ALA B 85 -7.59 -3.62 -10.31
N VAL C 1 15.92 -35.91 33.76
CA VAL C 1 15.67 -34.62 33.13
C VAL C 1 14.19 -34.24 33.28
N THR C 2 13.95 -33.00 33.65
CA THR C 2 12.60 -32.50 33.90
C THR C 2 11.97 -32.01 32.59
N VAL C 3 10.67 -32.24 32.44
CA VAL C 3 9.91 -31.67 31.33
C VAL C 3 9.01 -30.57 31.87
N ASP C 4 8.61 -29.67 30.98
CA ASP C 4 7.66 -28.63 31.37
C ASP C 4 6.41 -28.71 30.49
N ASP C 5 5.59 -27.67 30.56
CA ASP C 5 4.26 -27.74 29.97
C ASP C 5 4.27 -27.64 28.45
N ASP C 6 5.32 -27.09 27.84
CA ASP C 6 5.29 -26.72 26.43
C ASP C 6 6.13 -27.67 25.59
N ASP C 7 6.04 -27.50 24.26
CA ASP C 7 6.82 -28.30 23.31
C ASP C 7 7.68 -27.43 22.39
N ASP C 8 8.14 -26.29 22.89
CA ASP C 8 8.92 -25.35 22.09
C ASP C 8 10.43 -25.40 22.37
N ASP C 9 10.89 -26.29 23.26
CA ASP C 9 12.22 -26.21 23.84
C ASP C 9 13.28 -27.06 23.15
N ASN C 10 12.91 -27.92 22.20
CA ASN C 10 13.90 -28.83 21.63
C ASN C 10 15.04 -28.06 20.95
N ASP C 11 14.72 -26.98 20.25
CA ASP C 11 15.74 -26.20 19.56
C ASP C 11 16.12 -25.00 20.41
N PRO C 12 17.40 -24.83 20.76
CA PRO C 12 17.74 -23.71 21.65
C PRO C 12 17.54 -22.35 21.02
N GLU C 13 17.74 -22.21 19.70
CA GLU C 13 17.47 -20.94 19.05
C GLU C 13 15.99 -20.57 19.18
N ASN C 14 15.10 -21.56 19.05
CA ASN C 14 13.67 -21.31 19.19
C ASN C 14 13.30 -20.87 20.60
N ARG C 15 13.90 -21.51 21.61
CA ARG C 15 13.59 -21.18 22.99
C ARG C 15 13.96 -19.73 23.30
N ILE C 16 15.10 -19.28 22.79
CA ILE C 16 15.53 -17.90 22.98
C ILE C 16 14.60 -16.94 22.23
N ALA C 17 14.29 -17.26 20.98
CA ALA C 17 13.43 -16.38 20.18
C ALA C 17 12.07 -16.24 20.82
N LYS C 18 11.53 -17.34 21.35
CA LYS C 18 10.23 -17.31 22.00
C LYS C 18 10.25 -16.42 23.24
N LYS C 19 11.25 -16.61 24.10
CA LYS C 19 11.36 -15.80 25.31
C LYS C 19 11.40 -14.32 24.97
N MET C 20 12.18 -13.97 23.95
CA MET C 20 12.32 -12.58 23.53
C MET C 20 11.01 -12.02 23.01
N LEU C 21 10.32 -12.78 22.15
CA LEU C 21 9.07 -12.30 21.59
C LEU C 21 8.01 -12.11 22.66
N LEU C 22 7.83 -13.10 23.54
CA LEU C 22 6.79 -12.98 24.57
C LEU C 22 7.07 -11.81 25.51
N GLU C 23 8.34 -11.55 25.82
CA GLU C 23 8.67 -10.39 26.64
C GLU C 23 8.34 -9.09 25.91
N GLU C 24 8.63 -9.04 24.61
CA GLU C 24 8.27 -7.87 23.81
C GLU C 24 6.77 -7.63 23.85
N ILE C 25 5.99 -8.69 23.66
CA ILE C 25 4.53 -8.53 23.58
C ILE C 25 3.97 -8.06 24.92
N LYS C 26 4.42 -8.68 26.01
CA LYS C 26 3.96 -8.34 27.36
C LYS C 26 4.16 -6.86 27.66
N ALA C 27 5.24 -6.27 27.14
CA ALA C 27 5.58 -4.88 27.43
C ALA C 27 4.59 -3.90 26.80
N ASN C 28 3.82 -4.32 25.80
CA ASN C 28 2.77 -3.49 25.20
C ASN C 28 3.33 -2.18 24.66
N LEU C 29 4.40 -2.30 23.88
CA LEU C 29 5.09 -1.17 23.26
C LEU C 29 4.84 -1.17 21.75
N SER C 30 5.35 -0.15 21.08
CA SER C 30 5.17 -0.02 19.63
C SER C 30 6.19 -0.82 18.82
N ASP D 4 -13.84 33.43 -28.84
CA ASP D 4 -12.88 33.65 -27.77
C ASP D 4 -11.76 32.61 -27.84
N ASP D 5 -10.54 33.09 -28.09
CA ASP D 5 -9.39 32.22 -28.28
C ASP D 5 -8.86 31.63 -26.98
N ASP D 6 -9.39 32.05 -25.83
CA ASP D 6 -9.09 31.37 -24.57
C ASP D 6 -9.94 30.14 -24.35
N ASP D 7 -10.82 29.82 -25.29
CA ASP D 7 -11.62 28.61 -25.20
C ASP D 7 -10.71 27.38 -25.19
N ASP D 8 -11.20 26.32 -24.54
CA ASP D 8 -10.41 25.09 -24.42
C ASP D 8 -9.99 24.56 -25.79
N ASP D 9 -10.88 24.65 -26.78
CA ASP D 9 -10.63 24.07 -28.10
C ASP D 9 -9.63 24.86 -28.93
N ASN D 10 -9.06 25.95 -28.41
CA ASN D 10 -8.13 26.74 -29.21
C ASN D 10 -6.87 25.96 -29.56
N ASP D 11 -6.17 25.46 -28.56
CA ASP D 11 -5.02 24.59 -28.79
C ASP D 11 -5.52 23.28 -29.39
N PRO D 12 -5.06 22.88 -30.58
CA PRO D 12 -5.58 21.64 -31.18
C PRO D 12 -5.38 20.40 -30.32
N GLU D 13 -4.23 20.26 -29.66
CA GLU D 13 -4.03 19.10 -28.80
C GLU D 13 -5.03 19.10 -27.66
N ASN D 14 -5.26 20.27 -27.07
CA ASN D 14 -6.22 20.38 -25.96
C ASN D 14 -7.63 20.08 -26.44
N ARG D 15 -8.00 20.58 -27.61
CA ARG D 15 -9.33 20.32 -28.17
C ARG D 15 -9.57 18.82 -28.30
N ILE D 16 -8.58 18.09 -28.82
CA ILE D 16 -8.73 16.65 -29.02
C ILE D 16 -8.79 15.93 -27.68
N ALA D 17 -7.90 16.31 -26.76
CA ALA D 17 -7.88 15.67 -25.44
C ALA D 17 -9.20 15.88 -24.70
N LYS D 18 -9.76 17.08 -24.80
CA LYS D 18 -11.00 17.37 -24.10
C LYS D 18 -12.15 16.57 -24.67
N LYS D 19 -12.28 16.54 -26.00
CA LYS D 19 -13.32 15.73 -26.63
C LYS D 19 -13.17 14.26 -26.25
N MET D 20 -11.93 13.76 -26.25
CA MET D 20 -11.70 12.35 -25.91
C MET D 20 -12.08 12.06 -24.46
N LEU D 21 -11.68 12.93 -23.53
CA LEU D 21 -11.97 12.69 -22.12
C LEU D 21 -13.47 12.74 -21.86
N LEU D 22 -14.16 13.74 -22.39
CA LEU D 22 -15.58 13.85 -22.11
C LEU D 22 -16.35 12.69 -22.70
N GLU D 23 -15.90 12.16 -23.85
CA GLU D 23 -16.55 10.98 -24.40
C GLU D 23 -16.25 9.74 -23.56
N GLU D 24 -15.03 9.65 -23.02
CA GLU D 24 -14.73 8.53 -22.12
C GLU D 24 -15.63 8.56 -20.89
N ILE D 25 -15.89 9.74 -20.34
CA ILE D 25 -16.74 9.83 -19.16
C ILE D 25 -18.15 9.39 -19.50
N LYS D 26 -18.66 9.83 -20.65
CA LYS D 26 -19.99 9.43 -21.10
C LYS D 26 -20.07 7.91 -21.31
N ALA D 27 -19.01 7.30 -21.84
CA ALA D 27 -19.03 5.86 -22.12
C ALA D 27 -19.01 5.02 -20.84
N ASN D 28 -18.57 5.58 -19.72
CA ASN D 28 -18.52 4.84 -18.46
C ASN D 28 -19.69 5.15 -17.54
N LEU D 29 -20.74 5.79 -18.06
CA LEU D 29 -21.94 6.06 -17.26
C LEU D 29 -22.62 4.77 -16.80
#